data_7STQ
#
_entry.id   7STQ
#
_cell.length_a   178.129
_cell.length_b   178.129
_cell.length_c   184.760
_cell.angle_alpha   90.000
_cell.angle_beta   90.000
_cell.angle_gamma   120.000
#
_symmetry.space_group_name_H-M   'P 64 2 2'
#
loop_
_entity.id
_entity.type
_entity.pdbx_description
1 polymer 'Acetolactate synthase, chloroplastic'
2 non-polymer 'MAGNESIUM ION'
3 non-polymer 'FLAVIN-ADENINE DINUCLEOTIDE'
4 non-polymer '2-[[[[(4-CHLORO-6-METHOXY-2-PYRIMIDINYL)AMINO]CARBONYL]AMINO]SULFONYL]BENZOIC ACID ETHYL ESTER'
5 non-polymer '2-{3-[(4-AMINO-2-METHYLPYRIMIDIN-5-YL)METHYL]-4-METHYL-2-OXO-2,3-DIHYDRO-1,3-THIAZOL-5-YL}ETHYL TRIHYDROGEN DIPHOSPHATE'
6 non-polymer '2-[N-CYCLOHEXYLAMINO]ETHANE SULFONIC ACID'
7 non-polymer 'SULFATE ION'
#
_entity_poly.entity_id   1
_entity_poly.type   'polypeptide(L)'
_entity_poly.pdbx_seq_one_letter_code
;TFISRFAPDQPRKGADILVEALERQGVETVFAYPGGASMEIHQALTRSSSIRNVLPRHEQGGVFAAEGYARSSGKPGICI
ATSGPGATNLVSGLADALLDSVPLVAITGQVPRRMIGTDAFQETPIVEVTRSITKHNYLVMDVEDIPRIIEEAFFLATSG
RPGPVLVDVPKDIQQQLAIPNWEQAMRLPGYMSRMPKPPEDSHLEQIVRLISESKKPVLYVGGGCLNSSDELGRFVELTG
IPVASTLMGLGSYP(CSD)DDELSLHMLGMHGTVYANYAVEHSDLLLAFGVRFDDRVTGKLEAFASRAKIVHIDIDSAEI
GKNKTPHVSVCGDVKLALQGMNKVLENRAEELKLDFGVWRNELNVQKQKFPLSFKTFGEAIPPQYAIKVLDELTDGKAII
STGVGQHQMWAAQFYNYKKPRQWLSSGGLGAMGFGLPAAIGASVANPDAIVVDIDGDGSFIMNVQELATIRVENLPVKVL
LLNNQHLGMVMQLEDRFYKANRAHTFLGDPAQEDEIFPNMLLFAAACGIPAARVTKKADLREAIQTMLDTPGPYLLDVIC
PHQEHVLPMIPSGGTFNDVITEGDGRLEHHHHHH
;
_entity_poly.pdbx_strand_id   A
#
# COMPACT_ATOMS: atom_id res chain seq x y z
N THR A 1 21.24 3.87 24.51
CA THR A 1 22.57 4.46 24.33
C THR A 1 23.28 3.84 23.13
N PHE A 2 23.31 4.58 22.03
CA PHE A 2 23.90 4.08 20.79
C PHE A 2 25.40 3.85 20.95
N ILE A 3 25.91 2.86 20.22
CA ILE A 3 27.31 2.48 20.25
C ILE A 3 27.88 2.68 18.85
N SER A 4 28.67 3.73 18.67
CA SER A 4 29.22 4.05 17.37
C SER A 4 30.46 3.22 17.07
N ARG A 5 30.68 2.96 15.79
CA ARG A 5 31.90 2.28 15.34
C ARG A 5 33.08 3.23 15.24
N PHE A 6 32.90 4.50 15.60
CA PHE A 6 33.95 5.49 15.53
C PHE A 6 34.05 6.21 16.87
N ALA A 7 35.22 6.78 17.13
CA ALA A 7 35.41 7.57 18.35
C ALA A 7 34.62 8.86 18.26
N PRO A 8 34.19 9.42 19.40
CA PRO A 8 33.43 10.68 19.37
C PRO A 8 34.23 11.87 18.88
N ASP A 9 35.57 11.76 18.82
CA ASP A 9 36.43 12.83 18.34
C ASP A 9 37.16 12.45 17.07
N GLN A 10 36.81 11.31 16.46
CA GLN A 10 37.52 10.81 15.29
C GLN A 10 36.83 11.28 14.02
N PRO A 11 37.52 12.00 13.14
CA PRO A 11 36.90 12.39 11.86
C PRO A 11 36.62 11.16 11.00
N ARG A 12 35.46 11.18 10.35
CA ARG A 12 35.04 10.09 9.49
C ARG A 12 34.42 10.65 8.22
N LYS A 13 34.43 9.83 7.18
CA LYS A 13 33.83 10.23 5.91
C LYS A 13 32.36 10.58 6.10
N GLY A 14 31.88 11.53 5.28
CA GLY A 14 30.48 11.89 5.32
C GLY A 14 29.54 10.71 5.07
N ALA A 15 29.97 9.77 4.22
CA ALA A 15 29.17 8.57 3.99
C ALA A 15 29.07 7.73 5.25
N ASP A 16 30.16 7.62 6.01
CA ASP A 16 30.10 6.90 7.28
C ASP A 16 29.20 7.62 8.28
N ILE A 17 29.07 8.93 8.16
CA ILE A 17 28.12 9.66 8.98
C ILE A 17 26.69 9.34 8.55
N LEU A 18 26.47 9.23 7.23
CA LEU A 18 25.13 8.96 6.72
C LEU A 18 24.64 7.58 7.17
N VAL A 19 25.49 6.57 7.07
CA VAL A 19 25.11 5.22 7.50
C VAL A 19 24.86 5.20 9.00
N GLU A 20 25.75 5.84 9.78
CA GLU A 20 25.55 5.88 11.22
C GLU A 20 24.26 6.63 11.56
N ALA A 21 23.93 7.67 10.80
CA ALA A 21 22.68 8.38 11.00
C ALA A 21 21.48 7.45 10.80
N LEU A 22 21.58 6.50 9.88
CA LEU A 22 20.52 5.52 9.70
C LEU A 22 20.48 4.54 10.87
N GLU A 23 21.65 4.08 11.32
CA GLU A 23 21.72 3.17 12.46
C GLU A 23 21.06 3.78 13.69
N ARG A 24 21.31 5.06 13.95
CA ARG A 24 20.70 5.73 15.09
C ARG A 24 19.20 5.90 14.93
N GLN A 25 18.69 5.77 13.71
CA GLN A 25 17.26 5.82 13.45
C GLN A 25 16.60 4.44 13.52
N GLY A 26 17.35 3.42 13.94
CA GLY A 26 16.81 2.08 14.01
C GLY A 26 16.74 1.34 12.69
N VAL A 27 17.40 1.85 11.66
CA VAL A 27 17.37 1.20 10.35
C VAL A 27 18.19 -0.08 10.39
N GLU A 28 17.63 -1.16 9.85
CA GLU A 28 18.35 -2.42 9.75
C GLU A 28 18.25 -3.06 8.37
N THR A 29 17.51 -2.45 7.44
CA THR A 29 17.38 -3.00 6.09
C THR A 29 17.20 -1.85 5.11
N VAL A 30 18.09 -1.78 4.11
CA VAL A 30 17.99 -0.81 3.03
C VAL A 30 18.02 -1.55 1.70
N PHE A 31 17.54 -0.88 0.66
CA PHE A 31 17.49 -1.42 -0.70
C PHE A 31 18.29 -0.50 -1.61
N ALA A 32 19.59 -0.72 -1.65
CA ALA A 32 20.52 0.16 -2.35
C ALA A 32 21.06 -0.50 -3.60
N TYR A 33 21.10 0.25 -4.70
CA TYR A 33 21.69 -0.20 -5.95
C TYR A 33 22.89 0.69 -6.25
N PRO A 34 24.09 0.15 -6.39
CA PRO A 34 25.29 0.98 -6.41
C PRO A 34 25.49 1.70 -7.72
N GLY A 35 26.22 2.81 -7.64
CA GLY A 35 26.62 3.60 -8.80
C GLY A 35 27.74 4.51 -8.40
N GLY A 36 28.35 5.14 -9.41
CA GLY A 36 29.54 5.95 -9.18
C GLY A 36 29.32 7.07 -8.18
N ALA A 37 28.14 7.70 -8.22
CA ALA A 37 27.86 8.81 -7.33
C ALA A 37 27.47 8.38 -5.93
N SER A 38 27.45 7.07 -5.64
CA SER A 38 27.05 6.62 -4.32
C SER A 38 27.91 5.46 -3.83
N MET A 39 29.06 5.22 -4.45
CA MET A 39 29.95 4.15 -3.99
C MET A 39 30.42 4.38 -2.57
N GLU A 40 30.63 5.64 -2.19
CA GLU A 40 31.07 5.93 -0.82
C GLU A 40 30.04 5.47 0.20
N ILE A 41 28.76 5.66 -0.11
CA ILE A 41 27.70 5.18 0.78
C ILE A 41 27.70 3.65 0.82
N HIS A 42 27.87 3.01 -0.34
CA HIS A 42 27.87 1.55 -0.38
C HIS A 42 29.06 0.97 0.36
N GLN A 43 30.21 1.63 0.28
CA GLN A 43 31.36 1.20 1.06
C GLN A 43 31.07 1.32 2.55
N ALA A 44 30.48 2.45 2.97
CA ALA A 44 30.14 2.65 4.37
C ALA A 44 29.06 1.66 4.83
N LEU A 45 28.21 1.22 3.91
CA LEU A 45 27.18 0.24 4.26
C LEU A 45 27.80 -1.10 4.66
N THR A 46 28.84 -1.52 3.94
CA THR A 46 29.50 -2.79 4.29
C THR A 46 30.17 -2.71 5.65
N ARG A 47 30.67 -1.53 6.03
CA ARG A 47 31.29 -1.37 7.35
C ARG A 47 30.27 -1.45 8.47
N SER A 48 28.98 -1.30 8.16
CA SER A 48 27.95 -1.38 9.18
C SER A 48 27.57 -2.83 9.43
N SER A 49 27.55 -3.22 10.71
CA SER A 49 27.19 -4.58 11.09
C SER A 49 25.70 -4.73 11.40
N SER A 50 24.95 -3.63 11.45
CA SER A 50 23.55 -3.67 11.81
C SER A 50 22.59 -3.41 10.65
N ILE A 51 23.08 -2.87 9.54
CA ILE A 51 22.25 -2.53 8.39
C ILE A 51 22.50 -3.54 7.29
N ARG A 52 21.43 -4.17 6.81
CA ARG A 52 21.49 -5.12 5.71
C ARG A 52 21.02 -4.46 4.43
N ASN A 53 21.71 -4.75 3.33
CA ASN A 53 21.34 -4.24 2.01
C ASN A 53 20.80 -5.39 1.17
N VAL A 54 19.62 -5.17 0.58
CA VAL A 54 19.02 -6.11 -0.35
C VAL A 54 19.20 -5.52 -1.74
N LEU A 55 20.21 -5.99 -2.46
CA LEU A 55 20.52 -5.46 -3.78
C LEU A 55 19.42 -5.83 -4.77
N PRO A 56 18.65 -4.88 -5.28
CA PRO A 56 17.67 -5.20 -6.31
C PRO A 56 18.34 -5.27 -7.68
N ARG A 57 17.55 -5.67 -8.68
CA ARG A 57 18.02 -5.67 -10.06
C ARG A 57 17.51 -4.47 -10.84
N HIS A 58 16.78 -3.57 -10.18
CA HIS A 58 16.27 -2.35 -10.78
C HIS A 58 15.85 -1.43 -9.64
N GLU A 59 16.20 -0.14 -9.75
CA GLU A 59 15.90 0.80 -8.67
C GLU A 59 14.40 0.91 -8.42
N GLN A 60 13.59 0.79 -9.47
CA GLN A 60 12.15 0.76 -9.27
C GLN A 60 11.75 -0.44 -8.41
N GLY A 61 12.43 -1.57 -8.58
CA GLY A 61 12.25 -2.68 -7.67
C GLY A 61 12.77 -2.38 -6.28
N GLY A 62 13.83 -1.56 -6.18
CA GLY A 62 14.36 -1.21 -4.88
C GLY A 62 13.42 -0.32 -4.08
N VAL A 63 12.79 0.65 -4.75
CA VAL A 63 11.90 1.57 -4.04
C VAL A 63 10.59 0.87 -3.71
N PHE A 64 10.09 0.01 -4.62
CA PHE A 64 8.89 -0.76 -4.32
C PHE A 64 9.15 -1.75 -3.19
N ALA A 65 10.36 -2.30 -3.11
CA ALA A 65 10.71 -3.16 -1.99
C ALA A 65 10.69 -2.39 -0.68
N ALA A 66 11.21 -1.16 -0.70
CA ALA A 66 11.12 -0.30 0.48
C ALA A 66 9.67 0.01 0.84
N GLU A 67 8.80 0.10 -0.18
CA GLU A 67 7.37 0.29 0.09
C GLU A 67 6.77 -0.91 0.80
N GLY A 68 6.90 -2.10 0.19
CA GLY A 68 6.39 -3.30 0.82
C GLY A 68 6.99 -3.55 2.19
N TYR A 69 8.26 -3.19 2.36
CA TYR A 69 8.88 -3.22 3.68
C TYR A 69 8.13 -2.31 4.64
N ALA A 70 7.73 -1.13 4.19
CA ALA A 70 7.06 -0.16 5.04
C ALA A 70 5.60 -0.50 5.26
N ARG A 71 4.89 -0.88 4.20
CA ARG A 71 3.46 -1.15 4.32
C ARG A 71 3.17 -2.35 5.19
N SER A 72 4.10 -3.30 5.26
CA SER A 72 3.89 -4.54 6.00
C SER A 72 4.44 -4.50 7.41
N SER A 73 4.88 -3.34 7.89
CA SER A 73 5.54 -3.28 9.19
C SER A 73 5.32 -1.94 9.90
N GLY A 74 4.80 -0.95 9.18
CA GLY A 74 4.68 0.39 9.72
C GLY A 74 5.98 1.15 9.87
N LYS A 75 7.12 0.47 9.78
CA LYS A 75 8.41 1.14 9.79
C LYS A 75 8.62 1.90 8.48
N PRO A 76 9.55 2.85 8.46
CA PRO A 76 9.87 3.51 7.18
C PRO A 76 10.76 2.62 6.31
N GLY A 77 10.49 2.65 5.01
CA GLY A 77 11.28 1.91 4.04
C GLY A 77 12.36 2.80 3.44
N ILE A 78 13.58 2.27 3.38
CA ILE A 78 14.74 3.04 2.94
C ILE A 78 15.30 2.41 1.67
N CYS A 79 15.38 3.21 0.61
CA CYS A 79 16.01 2.81 -0.64
C CYS A 79 17.07 3.82 -1.01
N ILE A 80 18.12 3.35 -1.67
CA ILE A 80 19.26 4.18 -2.04
C ILE A 80 19.57 3.96 -3.51
N ALA A 81 19.90 5.05 -4.22
CA ALA A 81 20.24 4.99 -5.63
C ALA A 81 21.38 5.96 -5.90
N THR A 82 21.97 5.84 -7.09
CA THR A 82 23.01 6.74 -7.53
C THR A 82 22.40 7.90 -8.30
N SER A 83 23.26 8.80 -8.80
CA SER A 83 22.81 9.98 -9.51
C SER A 83 22.17 9.61 -10.84
N GLY A 84 21.61 10.63 -11.50
CA GLY A 84 21.10 10.49 -12.84
C GLY A 84 20.08 9.40 -13.03
N PRO A 85 20.45 8.37 -13.80
CA PRO A 85 19.46 7.32 -14.14
C PRO A 85 19.05 6.48 -12.95
N GLY A 86 19.92 6.34 -11.93
CA GLY A 86 19.52 5.61 -10.75
C GLY A 86 18.44 6.34 -9.96
N ALA A 87 18.53 7.66 -9.91
CA ALA A 87 17.52 8.44 -9.18
C ALA A 87 16.21 8.50 -9.95
N THR A 88 16.27 8.70 -11.26
CA THR A 88 15.05 8.79 -12.06
C THR A 88 14.26 7.49 -12.04
N ASN A 89 14.91 6.36 -11.76
CA ASN A 89 14.21 5.09 -11.64
C ASN A 89 13.47 4.93 -10.33
N LEU A 90 13.55 5.92 -9.42
CA LEU A 90 12.78 5.91 -8.18
C LEU A 90 11.49 6.70 -8.28
N VAL A 91 11.25 7.39 -9.40
CA VAL A 91 10.17 8.36 -9.47
C VAL A 91 8.81 7.71 -9.21
N SER A 92 8.55 6.60 -9.90
CA SER A 92 7.26 5.92 -9.74
C SER A 92 7.03 5.51 -8.29
N GLY A 93 8.07 5.01 -7.62
CA GLY A 93 7.92 4.62 -6.23
C GLY A 93 7.66 5.80 -5.31
N LEU A 94 8.29 6.95 -5.60
CA LEU A 94 8.07 8.13 -4.78
C LEU A 94 6.64 8.63 -4.92
N ALA A 95 6.18 8.82 -6.16
CA ALA A 95 4.81 9.26 -6.38
C ALA A 95 3.81 8.24 -5.83
N ASP A 96 4.16 6.96 -5.91
CA ASP A 96 3.28 5.93 -5.34
C ASP A 96 3.26 6.01 -3.82
N ALA A 97 4.42 6.21 -3.20
CA ALA A 97 4.46 6.30 -1.74
C ALA A 97 3.76 7.55 -1.24
N LEU A 98 3.75 8.63 -2.04
CA LEU A 98 3.10 9.87 -1.62
C LEU A 98 1.58 9.71 -1.65
N LEU A 99 1.05 9.13 -2.72
CA LEU A 99 -0.40 9.05 -2.87
C LEU A 99 -1.02 8.09 -1.86
N ASP A 100 -0.28 7.07 -1.44
CA ASP A 100 -0.78 6.11 -0.46
C ASP A 100 -0.30 6.40 0.96
N SER A 101 0.47 7.47 1.15
CA SER A 101 0.95 7.89 2.46
C SER A 101 1.75 6.78 3.14
N VAL A 102 2.84 6.40 2.50
CA VAL A 102 3.72 5.34 2.97
C VAL A 102 4.99 5.98 3.52
N PRO A 103 5.38 5.72 4.76
CA PRO A 103 6.62 6.28 5.30
C PRO A 103 7.82 5.72 4.56
N LEU A 104 8.55 6.59 3.88
CA LEU A 104 9.66 6.16 3.03
C LEU A 104 10.73 7.25 3.01
N VAL A 105 11.98 6.82 3.04
CA VAL A 105 13.14 7.71 2.95
C VAL A 105 14.04 7.20 1.83
N ALA A 106 14.19 8.00 0.78
CA ALA A 106 15.02 7.66 -0.35
C ALA A 106 16.27 8.52 -0.35
N ILE A 107 17.42 7.89 -0.48
CA ILE A 107 18.72 8.58 -0.49
C ILE A 107 19.34 8.38 -1.87
N THR A 108 19.54 9.48 -2.59
CA THR A 108 20.19 9.42 -3.90
C THR A 108 21.54 10.12 -3.85
N GLY A 109 22.54 9.48 -4.45
CA GLY A 109 23.81 10.15 -4.66
C GLY A 109 23.70 11.24 -5.69
N GLN A 110 24.61 12.21 -5.61
CA GLN A 110 24.62 13.34 -6.54
C GLN A 110 26.06 13.71 -6.88
N VAL A 111 26.22 14.38 -8.02
CA VAL A 111 27.52 14.84 -8.51
C VAL A 111 28.12 15.81 -7.49
N PRO A 112 29.43 16.02 -7.49
CA PRO A 112 30.01 16.97 -6.53
C PRO A 112 29.37 18.34 -6.67
N ARG A 113 29.38 19.10 -5.57
CA ARG A 113 28.64 20.35 -5.50
C ARG A 113 29.09 21.35 -6.56
N ARG A 114 30.39 21.41 -6.82
CA ARG A 114 30.92 22.30 -7.84
C ARG A 114 30.42 21.93 -9.24
N MET A 115 29.92 20.71 -9.43
CA MET A 115 29.45 20.24 -10.73
C MET A 115 27.96 20.47 -10.94
N ILE A 116 27.20 20.76 -9.88
CA ILE A 116 25.75 20.87 -9.99
C ILE A 116 25.39 22.07 -10.85
N GLY A 117 24.52 21.85 -11.83
CA GLY A 117 24.09 22.90 -12.74
C GLY A 117 24.89 23.03 -14.01
N THR A 118 25.88 22.16 -14.23
CA THR A 118 26.72 22.22 -15.42
C THR A 118 26.39 21.12 -16.41
N ASP A 119 25.24 20.45 -16.26
CA ASP A 119 24.87 19.33 -17.11
C ASP A 119 25.97 18.27 -17.13
N ALA A 120 26.48 17.95 -15.95
CA ALA A 120 27.61 17.06 -15.80
C ALA A 120 27.20 15.61 -16.07
N PHE A 121 28.16 14.71 -15.94
CA PHE A 121 27.91 13.30 -16.20
C PHE A 121 26.93 12.73 -15.17
N GLN A 122 25.80 12.20 -15.67
CA GLN A 122 24.78 11.59 -14.82
C GLN A 122 24.27 12.58 -13.78
N GLU A 123 23.95 13.78 -14.23
CA GLU A 123 23.47 14.85 -13.37
C GLU A 123 22.07 15.26 -13.81
N THR A 124 21.07 14.89 -13.02
CA THR A 124 19.72 15.38 -13.17
C THR A 124 19.28 16.07 -11.89
N PRO A 125 18.50 17.15 -11.98
CA PRO A 125 18.02 17.83 -10.77
C PRO A 125 16.93 17.02 -10.07
N ILE A 126 17.33 15.93 -9.41
CA ILE A 126 16.35 15.02 -8.82
C ILE A 126 15.52 15.71 -7.76
N VAL A 127 16.03 16.78 -7.15
CA VAL A 127 15.24 17.54 -6.19
C VAL A 127 14.16 18.33 -6.91
N GLU A 128 14.52 18.99 -8.01
CA GLU A 128 13.55 19.77 -8.78
C GLU A 128 12.50 18.86 -9.41
N VAL A 129 12.85 17.60 -9.68
CA VAL A 129 11.93 16.68 -10.33
C VAL A 129 10.91 16.13 -9.34
N THR A 130 11.36 15.75 -8.15
CA THR A 130 10.52 15.02 -7.20
C THR A 130 9.80 15.92 -6.19
N ARG A 131 9.94 17.25 -6.31
CA ARG A 131 9.34 18.13 -5.32
C ARG A 131 7.83 17.98 -5.26
N SER A 132 7.19 17.68 -6.39
CA SER A 132 5.74 17.55 -6.45
C SER A 132 5.25 16.14 -6.18
N ILE A 133 6.13 15.17 -5.99
CA ILE A 133 5.73 13.79 -5.75
C ILE A 133 6.40 13.27 -4.49
N THR A 134 6.81 14.17 -3.60
CA THR A 134 7.39 13.80 -2.31
C THR A 134 6.80 14.70 -1.23
N LYS A 135 6.72 14.16 -0.01
CA LYS A 135 6.31 14.99 1.12
C LYS A 135 7.30 16.12 1.37
N HIS A 136 8.58 15.85 1.15
CA HIS A 136 9.65 16.82 1.29
C HIS A 136 10.91 16.22 0.70
N ASN A 137 11.86 17.08 0.36
CA ASN A 137 13.16 16.60 -0.11
C ASN A 137 14.24 17.58 0.31
N TYR A 138 15.48 17.10 0.25
CA TYR A 138 16.64 17.87 0.68
C TYR A 138 17.75 17.77 -0.34
N LEU A 139 18.68 18.73 -0.26
CA LEU A 139 19.95 18.67 -0.98
C LEU A 139 21.04 19.06 0.00
N VAL A 140 21.83 18.07 0.42
CA VAL A 140 22.84 18.29 1.45
C VAL A 140 23.95 19.14 0.86
N MET A 141 24.12 20.37 1.38
CA MET A 141 25.15 21.27 0.89
C MET A 141 26.38 21.30 1.78
N ASP A 142 26.35 20.65 2.93
CA ASP A 142 27.52 20.58 3.80
C ASP A 142 27.44 19.29 4.61
N VAL A 143 28.61 18.72 4.90
CA VAL A 143 28.68 17.44 5.58
C VAL A 143 28.11 17.52 6.99
N GLU A 144 28.15 18.70 7.61
CA GLU A 144 27.64 18.84 8.97
C GLU A 144 26.12 18.83 9.03
N ASP A 145 25.44 19.06 7.90
CA ASP A 145 23.97 19.01 7.88
C ASP A 145 23.43 17.59 7.79
N ILE A 146 24.30 16.59 7.59
CA ILE A 146 23.83 15.21 7.43
C ILE A 146 23.06 14.71 8.65
N PRO A 147 23.59 14.79 9.88
CA PRO A 147 22.82 14.25 11.02
C PRO A 147 21.48 14.92 11.21
N ARG A 148 21.39 16.23 10.94
CA ARG A 148 20.13 16.93 11.10
C ARG A 148 19.15 16.59 9.98
N ILE A 149 19.63 16.54 8.74
CA ILE A 149 18.75 16.29 7.60
C ILE A 149 18.17 14.89 7.68
N ILE A 150 18.99 13.90 8.06
CA ILE A 150 18.50 12.52 8.18
C ILE A 150 17.44 12.43 9.27
N GLU A 151 17.66 13.11 10.39
CA GLU A 151 16.67 13.09 11.47
C GLU A 151 15.38 13.77 11.03
N GLU A 152 15.48 14.90 10.33
CA GLU A 152 14.28 15.56 9.81
C GLU A 152 13.58 14.70 8.77
N ALA A 153 14.36 14.01 7.92
CA ALA A 153 13.77 13.18 6.88
C ALA A 153 12.95 12.05 7.48
N PHE A 154 13.52 11.32 8.43
CA PHE A 154 12.80 10.21 9.06
C PHE A 154 11.61 10.72 9.86
N PHE A 155 11.77 11.86 10.56
CA PHE A 155 10.66 12.42 11.31
C PHE A 155 9.52 12.82 10.37
N LEU A 156 9.85 13.52 9.28
CA LEU A 156 8.82 13.95 8.34
C LEU A 156 8.18 12.77 7.62
N ALA A 157 8.97 11.74 7.32
CA ALA A 157 8.44 10.61 6.58
C ALA A 157 7.48 9.77 7.41
N THR A 158 7.63 9.79 8.74
CA THR A 158 6.86 8.92 9.62
C THR A 158 5.80 9.63 10.43
N SER A 159 5.94 10.93 10.68
CA SER A 159 5.00 11.66 11.52
C SER A 159 3.82 12.19 10.70
N GLY A 160 2.75 12.53 11.40
CA GLY A 160 1.56 13.07 10.75
C GLY A 160 1.02 12.12 9.71
N ARG A 161 0.66 12.66 8.56
CA ARG A 161 0.33 11.84 7.40
C ARG A 161 1.62 11.41 6.73
N PRO A 162 2.01 10.14 6.84
CA PRO A 162 3.33 9.72 6.37
C PRO A 162 3.49 9.92 4.87
N GLY A 163 4.74 9.93 4.44
CA GLY A 163 5.06 10.12 3.04
C GLY A 163 6.53 9.90 2.75
N PRO A 164 6.91 10.04 1.47
CA PRO A 164 8.31 9.85 1.10
C PRO A 164 9.11 11.15 1.21
N VAL A 165 10.33 11.01 1.73
CA VAL A 165 11.28 12.11 1.82
C VAL A 165 12.57 11.70 1.12
N LEU A 166 13.01 12.52 0.16
CA LEU A 166 14.22 12.27 -0.60
C LEU A 166 15.35 13.13 -0.07
N VAL A 167 16.55 12.55 0.01
CA VAL A 167 17.74 13.25 0.48
C VAL A 167 18.82 13.07 -0.59
N ASP A 168 19.10 14.14 -1.34
CA ASP A 168 20.14 14.11 -2.36
C ASP A 168 21.48 14.44 -1.72
N VAL A 169 22.45 13.55 -1.90
CA VAL A 169 23.76 13.72 -1.26
C VAL A 169 24.85 13.82 -2.32
N PRO A 170 25.53 14.96 -2.46
CA PRO A 170 26.60 15.06 -3.45
C PRO A 170 27.81 14.20 -3.07
N LYS A 171 28.61 13.87 -4.08
CA LYS A 171 29.67 12.89 -3.89
C LYS A 171 30.77 13.44 -2.96
N ASP A 172 31.12 14.71 -3.13
CA ASP A 172 32.16 15.31 -2.29
C ASP A 172 31.76 15.34 -0.83
N ILE A 173 30.46 15.47 -0.54
CA ILE A 173 29.99 15.42 0.85
C ILE A 173 30.24 14.03 1.43
N GLN A 174 29.99 12.99 0.65
CA GLN A 174 30.21 11.62 1.12
C GLN A 174 31.68 11.38 1.46
N GLN A 175 32.60 12.04 0.75
CA GLN A 175 34.03 11.85 0.96
C GLN A 175 34.61 12.78 2.02
N GLN A 176 33.93 13.88 2.33
CA GLN A 176 34.47 14.86 3.27
C GLN A 176 34.51 14.28 4.68
N LEU A 177 35.48 14.73 5.46
CA LEU A 177 35.67 14.27 6.83
C LEU A 177 35.03 15.26 7.80
N ALA A 178 34.51 14.73 8.91
CA ALA A 178 33.85 15.55 9.92
C ALA A 178 33.63 14.71 11.18
N ILE A 179 33.34 15.41 12.27
CA ILE A 179 32.86 14.81 13.52
C ILE A 179 31.39 15.17 13.65
N PRO A 180 30.47 14.24 13.43
CA PRO A 180 29.05 14.58 13.41
C PRO A 180 28.54 15.02 14.77
N ASN A 181 27.67 16.02 14.76
CA ASN A 181 27.00 16.52 15.96
C ASN A 181 25.59 15.92 15.96
N TRP A 182 25.39 14.92 16.82
CA TRP A 182 24.15 14.15 16.84
C TRP A 182 23.05 14.79 17.68
N GLU A 183 23.21 16.05 18.08
CA GLU A 183 22.21 16.70 18.91
C GLU A 183 21.80 18.06 18.36
N GLN A 184 21.87 18.23 17.04
CA GLN A 184 21.33 19.42 16.42
C GLN A 184 19.81 19.42 16.53
N ALA A 185 19.24 20.60 16.73
CA ALA A 185 17.79 20.74 16.77
C ALA A 185 17.24 20.81 15.35
N MET A 186 16.18 20.06 15.09
CA MET A 186 15.60 20.03 13.76
C MET A 186 14.97 21.38 13.42
N ARG A 187 15.35 21.95 12.29
CA ARG A 187 14.75 23.18 11.81
C ARG A 187 13.40 22.83 11.18
N LEU A 188 12.42 22.55 12.03
CA LEU A 188 11.05 22.31 11.59
C LEU A 188 10.07 23.03 12.50
N PRO A 189 10.14 24.37 12.59
CA PRO A 189 9.21 25.09 13.46
C PRO A 189 7.79 25.11 12.91
N GLY A 190 7.63 25.46 11.63
CA GLY A 190 6.31 25.57 11.05
C GLY A 190 5.58 24.25 10.93
N TYR A 191 6.30 23.13 10.90
CA TYR A 191 5.66 21.83 10.79
C TYR A 191 5.13 21.35 12.14
N MET A 192 5.96 21.42 13.18
CA MET A 192 5.55 20.91 14.48
C MET A 192 4.49 21.80 15.13
N SER A 193 4.49 23.09 14.82
CA SER A 193 3.47 23.97 15.38
C SER A 193 2.07 23.63 14.87
N ARG A 194 1.99 23.04 13.68
CA ARG A 194 0.72 22.63 13.08
C ARG A 194 0.48 21.13 13.20
N MET A 195 1.32 20.41 13.94
CA MET A 195 1.08 18.99 14.16
C MET A 195 -0.17 18.83 15.03
N PRO A 196 -1.10 17.95 14.65
CA PRO A 196 -2.38 17.89 15.36
C PRO A 196 -2.21 17.49 16.81
N LYS A 197 -3.03 18.11 17.66
CA LYS A 197 -3.08 17.87 19.10
C LYS A 197 -4.09 16.77 19.41
N PRO A 198 -4.01 16.16 20.60
CA PRO A 198 -5.00 15.15 20.98
C PRO A 198 -6.41 15.74 20.94
N PRO A 199 -7.39 14.95 20.51
CA PRO A 199 -8.73 15.51 20.24
C PRO A 199 -9.43 15.94 21.52
N GLU A 200 -10.18 17.03 21.41
CA GLU A 200 -10.95 17.55 22.53
C GLU A 200 -12.19 16.70 22.76
N ASP A 201 -12.57 16.56 24.03
CA ASP A 201 -13.80 15.85 24.36
C ASP A 201 -15.04 16.62 23.90
N SER A 202 -14.89 17.90 23.57
CA SER A 202 -16.00 18.65 23.00
C SER A 202 -16.49 18.01 21.71
N HIS A 203 -15.57 17.77 20.77
CA HIS A 203 -15.95 17.14 19.52
C HIS A 203 -16.31 15.66 19.72
N LEU A 204 -15.56 14.97 20.57
CA LEU A 204 -15.75 13.52 20.72
C LEU A 204 -17.14 13.19 21.25
N GLU A 205 -17.63 13.98 22.21
CA GLU A 205 -18.95 13.69 22.77
C GLU A 205 -20.06 14.06 21.80
N GLN A 206 -19.86 15.11 20.99
CA GLN A 206 -20.86 15.44 19.98
C GLN A 206 -20.96 14.36 18.92
N ILE A 207 -19.87 13.61 18.70
CA ILE A 207 -19.92 12.47 17.78
C ILE A 207 -20.71 11.32 18.40
N VAL A 208 -20.35 10.95 19.63
CA VAL A 208 -21.10 9.91 20.36
C VAL A 208 -22.57 10.31 20.45
N ARG A 209 -22.83 11.59 20.69
CA ARG A 209 -24.21 12.08 20.70
C ARG A 209 -24.89 11.87 19.35
N LEU A 210 -24.19 12.19 18.26
CA LEU A 210 -24.75 11.99 16.94
C LEU A 210 -24.93 10.52 16.59
N ILE A 211 -24.19 9.63 17.25
CA ILE A 211 -24.36 8.20 17.02
C ILE A 211 -25.69 7.72 17.59
N SER A 212 -26.05 8.22 18.78
CA SER A 212 -27.31 7.79 19.41
C SER A 212 -28.52 8.37 18.69
N GLU A 213 -28.42 9.59 18.16
CA GLU A 213 -29.51 10.17 17.38
C GLU A 213 -29.65 9.54 16.00
N SER A 214 -28.66 8.78 15.57
CA SER A 214 -28.68 8.17 14.25
C SER A 214 -29.39 6.82 14.29
N LYS A 215 -29.97 6.45 13.16
CA LYS A 215 -30.64 5.16 13.01
C LYS A 215 -30.03 4.29 11.93
N LYS A 216 -29.32 4.86 10.96
CA LYS A 216 -28.65 4.11 9.91
C LYS A 216 -27.21 4.62 9.77
N PRO A 217 -26.34 4.26 10.71
CA PRO A 217 -24.94 4.70 10.63
C PRO A 217 -24.06 3.70 9.91
N VAL A 218 -22.99 4.22 9.30
CA VAL A 218 -22.02 3.42 8.57
C VAL A 218 -20.62 3.91 8.89
N LEU A 219 -19.70 2.97 9.10
CA LEU A 219 -18.29 3.30 9.29
C LEU A 219 -17.59 3.28 7.94
N TYR A 220 -16.83 4.34 7.66
CA TYR A 220 -16.09 4.52 6.41
C TYR A 220 -14.61 4.50 6.76
N VAL A 221 -14.06 3.29 6.87
CA VAL A 221 -12.70 3.06 7.36
C VAL A 221 -11.74 2.98 6.19
N GLY A 222 -10.60 3.65 6.31
CA GLY A 222 -9.59 3.64 5.28
C GLY A 222 -8.18 3.44 5.79
N GLY A 223 -7.19 3.80 4.97
CA GLY A 223 -5.80 3.58 5.29
C GLY A 223 -5.32 4.28 6.55
N GLY A 224 -6.09 5.22 7.09
CA GLY A 224 -5.70 5.90 8.30
C GLY A 224 -5.82 5.09 9.56
N CYS A 225 -6.47 3.92 9.49
CA CYS A 225 -6.71 3.10 10.67
C CYS A 225 -5.79 1.90 10.77
N LEU A 226 -4.76 1.82 9.91
CA LEU A 226 -3.89 0.66 9.89
C LEU A 226 -3.20 0.43 11.24
N ASN A 227 -3.05 1.47 12.05
CA ASN A 227 -2.48 1.34 13.38
C ASN A 227 -3.54 1.30 14.48
N SER A 228 -4.78 1.66 14.17
CA SER A 228 -5.89 1.61 15.12
C SER A 228 -6.66 0.31 15.01
N SER A 229 -5.97 -0.82 14.86
CA SER A 229 -6.64 -2.09 14.67
C SER A 229 -7.52 -2.45 15.87
N ASP A 230 -6.93 -2.45 17.07
CA ASP A 230 -7.68 -2.83 18.25
C ASP A 230 -8.71 -1.77 18.62
N GLU A 231 -8.32 -0.48 18.53
CA GLU A 231 -9.23 0.60 18.91
C GLU A 231 -10.47 0.61 18.03
N LEU A 232 -10.32 0.27 16.76
CA LEU A 232 -11.49 0.22 15.88
C LEU A 232 -12.42 -0.92 16.26
N GLY A 233 -11.85 -2.09 16.59
CA GLY A 233 -12.68 -3.22 16.98
C GLY A 233 -13.46 -2.95 18.25
N ARG A 234 -12.80 -2.38 19.26
CA ARG A 234 -13.49 -2.04 20.50
C ARG A 234 -14.56 -0.98 20.28
N PHE A 235 -14.34 -0.07 19.34
CA PHE A 235 -15.36 0.92 19.01
C PHE A 235 -16.56 0.28 18.35
N VAL A 236 -16.37 -0.79 17.59
CA VAL A 236 -17.48 -1.45 16.90
C VAL A 236 -18.34 -2.22 17.89
N GLU A 237 -17.72 -2.81 18.91
CA GLU A 237 -18.50 -3.50 19.95
C GLU A 237 -19.46 -2.54 20.63
N LEU A 238 -18.98 -1.34 20.97
CA LEU A 238 -19.79 -0.40 21.74
C LEU A 238 -20.89 0.24 20.91
N THR A 239 -20.82 0.16 19.59
CA THR A 239 -21.84 0.75 18.73
C THR A 239 -22.57 -0.26 17.86
N GLY A 240 -21.89 -1.30 17.38
CA GLY A 240 -22.52 -2.25 16.49
C GLY A 240 -22.76 -1.69 15.10
N ILE A 241 -21.98 -0.70 14.68
CA ILE A 241 -22.13 -0.07 13.37
C ILE A 241 -21.40 -0.90 12.33
N PRO A 242 -21.99 -1.16 11.17
CA PRO A 242 -21.28 -1.89 10.12
C PRO A 242 -20.05 -1.12 9.64
N VAL A 243 -19.09 -1.86 9.11
CA VAL A 243 -17.78 -1.32 8.76
C VAL A 243 -17.56 -1.51 7.27
N ALA A 244 -17.64 -0.43 6.51
CA ALA A 244 -17.28 -0.43 5.10
C ALA A 244 -15.86 0.09 4.97
N SER A 245 -14.96 -0.75 4.46
CA SER A 245 -13.55 -0.43 4.35
C SER A 245 -13.19 -0.07 2.91
N THR A 246 -12.10 0.66 2.76
CA THR A 246 -11.57 1.00 1.46
C THR A 246 -10.43 0.07 1.09
N LEU A 247 -9.97 0.19 -0.16
CA LEU A 247 -8.88 -0.65 -0.64
C LEU A 247 -7.63 -0.49 0.22
N MET A 248 -7.45 0.68 0.82
CA MET A 248 -6.28 0.90 1.66
C MET A 248 -6.50 0.40 3.08
N GLY A 249 -7.71 0.55 3.62
CA GLY A 249 -8.00 0.13 4.97
C GLY A 249 -8.35 -1.32 5.14
N LEU A 250 -8.20 -2.14 4.10
CA LEU A 250 -8.53 -3.56 4.21
C LEU A 250 -7.71 -4.22 5.30
N GLY A 251 -8.37 -4.92 6.20
CA GLY A 251 -7.74 -5.60 7.30
C GLY A 251 -7.87 -4.90 8.64
N SER A 252 -8.15 -3.59 8.63
CA SER A 252 -8.35 -2.87 9.88
C SER A 252 -9.44 -3.50 10.71
N TYR A 253 -10.61 -3.74 10.11
CA TYR A 253 -11.68 -4.53 10.70
C TYR A 253 -11.87 -5.77 9.85
N PRO A 254 -11.75 -6.98 10.41
CA PRO A 254 -11.77 -8.28 9.71
C PRO A 254 -12.90 -8.42 8.70
N ASP A 256 -14.07 -11.22 7.59
CA ASP A 256 -14.84 -12.43 7.87
C ASP A 256 -15.86 -12.23 8.98
N ASP A 257 -16.02 -10.97 9.41
CA ASP A 257 -16.96 -10.64 10.47
C ASP A 257 -18.34 -10.37 9.88
N GLU A 258 -19.37 -10.62 10.69
CA GLU A 258 -20.75 -10.42 10.26
C GLU A 258 -21.13 -8.95 10.20
N LEU A 259 -20.39 -8.08 10.88
CA LEU A 259 -20.62 -6.64 10.80
C LEU A 259 -19.86 -5.98 9.66
N SER A 260 -18.91 -6.68 9.05
N SER A 260 -18.91 -6.68 9.05
CA SER A 260 -18.09 -6.11 7.99
CA SER A 260 -18.09 -6.11 7.99
C SER A 260 -18.88 -6.04 6.69
C SER A 260 -18.88 -6.04 6.68
N LEU A 261 -18.77 -4.91 6.00
CA LEU A 261 -19.38 -4.72 4.68
C LEU A 261 -18.37 -4.91 3.56
N HIS A 262 -17.14 -5.31 3.89
CA HIS A 262 -16.04 -5.47 2.93
C HIS A 262 -15.75 -4.10 2.30
N MET A 263 -15.37 -4.09 1.02
CA MET A 263 -14.95 -2.87 0.37
C MET A 263 -16.13 -2.16 -0.28
N LEU A 264 -16.09 -0.83 -0.23
CA LEU A 264 -17.05 0.02 -0.93
C LEU A 264 -16.35 0.71 -2.10
N GLY A 265 -17.14 1.31 -2.99
CA GLY A 265 -16.56 2.06 -4.09
C GLY A 265 -16.83 1.52 -5.48
N MET A 266 -15.97 1.87 -6.44
CA MET A 266 -16.18 1.48 -7.83
C MET A 266 -16.33 -0.03 -7.97
N HIS A 267 -15.36 -0.78 -7.46
CA HIS A 267 -15.42 -2.23 -7.46
C HIS A 267 -15.67 -2.77 -6.05
N GLY A 268 -16.50 -2.06 -5.29
CA GLY A 268 -16.88 -2.48 -3.96
C GLY A 268 -18.23 -3.19 -3.96
N THR A 269 -18.48 -3.92 -2.88
CA THR A 269 -19.66 -4.77 -2.80
C THR A 269 -20.94 -3.95 -2.94
N VAL A 270 -21.97 -4.59 -3.50
CA VAL A 270 -23.25 -3.91 -3.72
C VAL A 270 -23.88 -3.50 -2.40
N TYR A 271 -23.62 -4.25 -1.34
CA TYR A 271 -24.27 -3.95 -0.06
C TYR A 271 -23.53 -2.85 0.70
N ALA A 272 -22.19 -2.81 0.61
CA ALA A 272 -21.45 -1.75 1.28
C ALA A 272 -21.77 -0.39 0.68
N ASN A 273 -21.89 -0.32 -0.66
CA ASN A 273 -22.29 0.92 -1.30
C ASN A 273 -23.72 1.29 -0.92
N TYR A 274 -24.59 0.28 -0.78
CA TYR A 274 -25.97 0.54 -0.38
C TYR A 274 -26.03 1.16 1.01
N ALA A 275 -25.26 0.60 1.95
CA ALA A 275 -25.26 1.12 3.32
C ALA A 275 -24.88 2.60 3.35
N VAL A 276 -23.89 2.99 2.54
CA VAL A 276 -23.49 4.39 2.48
C VAL A 276 -24.57 5.23 1.81
N GLU A 277 -25.20 4.68 0.76
CA GLU A 277 -26.15 5.47 -0.02
C GLU A 277 -27.41 5.80 0.79
N HIS A 278 -27.77 4.95 1.75
CA HIS A 278 -28.95 5.16 2.57
C HIS A 278 -28.55 5.15 4.05
N SER A 279 -27.74 6.12 4.44
CA SER A 279 -27.29 6.25 5.82
C SER A 279 -27.56 7.67 6.30
N ASP A 280 -27.71 7.82 7.61
CA ASP A 280 -27.88 9.14 8.20
C ASP A 280 -26.64 9.63 8.93
N LEU A 281 -25.70 8.74 9.24
CA LEU A 281 -24.45 9.12 9.90
C LEU A 281 -23.32 8.36 9.23
N LEU A 282 -22.38 9.10 8.65
CA LEU A 282 -21.21 8.52 7.98
C LEU A 282 -19.98 8.85 8.79
N LEU A 283 -19.38 7.84 9.43
CA LEU A 283 -18.20 8.01 10.26
C LEU A 283 -16.98 7.69 9.40
N ALA A 284 -16.46 8.72 8.73
CA ALA A 284 -15.31 8.59 7.84
C ALA A 284 -14.04 8.73 8.68
N PHE A 285 -13.44 7.59 9.05
CA PHE A 285 -12.27 7.57 9.91
C PHE A 285 -11.05 7.17 9.08
N GLY A 286 -10.17 8.14 8.82
CA GLY A 286 -8.94 7.87 8.10
C GLY A 286 -9.11 7.60 6.62
N VAL A 287 -9.91 8.42 5.94
CA VAL A 287 -10.13 8.30 4.51
C VAL A 287 -9.93 9.67 3.86
N ARG A 288 -9.77 9.65 2.53
CA ARG A 288 -9.57 10.89 1.78
C ARG A 288 -10.63 11.09 0.70
N PHE A 289 -11.76 10.39 0.79
CA PHE A 289 -12.91 10.61 -0.08
C PHE A 289 -12.53 10.55 -1.56
N ASP A 290 -11.97 9.40 -1.95
CA ASP A 290 -11.50 9.22 -3.31
C ASP A 290 -12.65 9.15 -4.29
N ASP A 291 -12.38 9.57 -5.53
CA ASP A 291 -13.35 9.43 -6.60
C ASP A 291 -13.63 7.96 -6.92
N ARG A 292 -12.66 7.09 -6.67
CA ARG A 292 -12.83 5.64 -6.77
C ARG A 292 -13.76 5.09 -5.69
N VAL A 293 -14.24 5.94 -4.78
CA VAL A 293 -15.14 5.53 -3.71
C VAL A 293 -16.46 6.28 -3.77
N THR A 294 -16.42 7.56 -4.16
CA THR A 294 -17.60 8.42 -4.20
C THR A 294 -18.25 8.51 -5.57
N GLY A 295 -17.47 8.55 -6.63
CA GLY A 295 -18.00 8.86 -7.96
C GLY A 295 -18.50 10.28 -7.99
N LYS A 296 -19.80 10.45 -8.26
CA LYS A 296 -20.41 11.77 -8.15
C LYS A 296 -20.54 12.16 -6.69
N LEU A 297 -19.83 13.24 -6.32
CA LEU A 297 -19.77 13.65 -4.91
C LEU A 297 -21.13 14.08 -4.37
N GLU A 298 -21.94 14.76 -5.20
CA GLU A 298 -23.25 15.19 -4.76
C GLU A 298 -24.14 14.01 -4.39
N ALA A 299 -23.94 12.86 -5.04
CA ALA A 299 -24.75 11.67 -4.78
C ALA A 299 -24.15 10.78 -3.70
N PHE A 300 -22.92 11.05 -3.25
CA PHE A 300 -22.25 10.20 -2.27
C PHE A 300 -22.75 10.53 -0.86
N ALA A 301 -23.42 9.56 -0.23
CA ALA A 301 -23.92 9.71 1.13
C ALA A 301 -24.75 10.97 1.29
N SER A 302 -25.59 11.26 0.29
CA SER A 302 -26.40 12.47 0.22
C SER A 302 -27.51 12.52 1.26
N ARG A 303 -27.57 11.60 2.23
CA ARG A 303 -28.57 11.64 3.28
C ARG A 303 -27.95 11.45 4.67
N ALA A 304 -26.63 11.58 4.77
CA ALA A 304 -25.90 11.26 5.99
C ALA A 304 -25.21 12.50 6.55
N LYS A 305 -25.19 12.60 7.88
CA LYS A 305 -24.36 13.58 8.56
C LYS A 305 -22.94 13.04 8.62
N ILE A 306 -22.01 13.72 7.95
CA ILE A 306 -20.68 13.21 7.72
C ILE A 306 -19.76 13.67 8.85
N VAL A 307 -19.20 12.71 9.57
CA VAL A 307 -18.19 12.95 10.60
C VAL A 307 -16.86 12.46 10.05
N HIS A 308 -15.94 13.39 9.83
CA HIS A 308 -14.66 13.09 9.19
C HIS A 308 -13.53 13.31 10.19
N ILE A 309 -12.76 12.25 10.44
CA ILE A 309 -11.56 12.32 11.25
C ILE A 309 -10.35 12.06 10.34
N ASP A 310 -9.36 12.94 10.42
CA ASP A 310 -8.20 12.84 9.55
C ASP A 310 -7.05 13.64 10.16
N ILE A 311 -5.85 13.07 10.12
CA ILE A 311 -4.67 13.74 10.65
C ILE A 311 -4.15 14.82 9.73
N ASP A 312 -4.69 14.93 8.52
CA ASP A 312 -4.30 15.96 7.56
C ASP A 312 -5.44 16.97 7.47
N SER A 313 -5.19 18.19 7.98
CA SER A 313 -6.21 19.23 7.95
C SER A 313 -6.60 19.62 6.53
N ALA A 314 -5.77 19.32 5.54
CA ALA A 314 -6.11 19.65 4.16
C ALA A 314 -7.18 18.74 3.60
N GLU A 315 -7.22 17.48 4.03
CA GLU A 315 -8.21 16.54 3.50
C GLU A 315 -9.60 16.79 4.05
N ILE A 316 -9.73 17.53 5.15
CA ILE A 316 -11.02 17.77 5.78
C ILE A 316 -11.71 18.90 5.01
N GLY A 317 -12.81 18.58 4.34
CA GLY A 317 -13.50 19.53 3.49
C GLY A 317 -12.92 19.66 2.11
N LYS A 318 -12.00 18.77 1.72
CA LYS A 318 -11.36 18.85 0.41
C LYS A 318 -12.36 18.54 -0.71
N ASN A 319 -13.02 17.39 -0.62
CA ASN A 319 -13.97 16.97 -1.64
C ASN A 319 -15.41 16.86 -1.17
N LYS A 320 -15.65 16.76 0.13
CA LYS A 320 -17.01 16.76 0.65
C LYS A 320 -17.03 17.45 2.00
N THR A 321 -17.88 18.46 2.13
CA THR A 321 -17.94 19.26 3.34
C THR A 321 -18.65 18.47 4.45
N PRO A 322 -17.99 18.16 5.56
CA PRO A 322 -18.63 17.38 6.62
C PRO A 322 -19.39 18.26 7.60
N HIS A 323 -20.28 17.60 8.35
CA HIS A 323 -20.94 18.27 9.47
C HIS A 323 -19.96 18.51 10.61
N VAL A 324 -19.38 17.43 11.13
CA VAL A 324 -18.41 17.48 12.21
C VAL A 324 -17.07 16.98 11.69
N SER A 325 -15.99 17.55 12.20
CA SER A 325 -14.65 17.19 11.78
C SER A 325 -13.72 17.19 12.99
N VAL A 326 -12.71 16.31 12.94
CA VAL A 326 -11.70 16.22 13.99
C VAL A 326 -10.33 16.03 13.35
N CYS A 327 -9.51 17.08 13.36
CA CYS A 327 -8.14 16.98 12.87
C CYS A 327 -7.28 16.36 13.96
N GLY A 328 -6.81 15.14 13.73
CA GLY A 328 -5.98 14.46 14.72
C GLY A 328 -5.85 12.99 14.40
N ASP A 329 -5.14 12.30 15.29
CA ASP A 329 -4.93 10.86 15.16
C ASP A 329 -6.24 10.13 15.44
N VAL A 330 -6.70 9.35 14.45
CA VAL A 330 -7.93 8.58 14.61
C VAL A 330 -7.79 7.55 15.71
N LYS A 331 -6.55 7.15 16.03
CA LYS A 331 -6.34 6.21 17.13
C LYS A 331 -6.79 6.82 18.46
N LEU A 332 -6.40 8.07 18.71
CA LEU A 332 -6.81 8.73 19.95
C LEU A 332 -8.31 9.03 19.96
N ALA A 333 -8.86 9.39 18.80
CA ALA A 333 -10.29 9.64 18.72
C ALA A 333 -11.10 8.41 19.08
N LEU A 334 -10.66 7.23 18.64
CA LEU A 334 -11.33 6.00 19.02
C LEU A 334 -11.17 5.73 20.51
N GLN A 335 -9.96 5.91 21.03
CA GLN A 335 -9.71 5.72 22.45
C GLN A 335 -10.62 6.61 23.29
N GLY A 336 -10.74 7.89 22.90
CA GLY A 336 -11.60 8.80 23.64
C GLY A 336 -13.07 8.44 23.50
N MET A 337 -13.50 8.14 22.27
CA MET A 337 -14.89 7.78 22.06
C MET A 337 -15.24 6.42 22.68
N ASN A 338 -14.25 5.55 22.91
CA ASN A 338 -14.54 4.28 23.58
C ASN A 338 -14.85 4.50 25.06
N LYS A 339 -14.11 5.39 25.72
CA LYS A 339 -14.36 5.68 27.12
C LYS A 339 -15.73 6.32 27.30
N VAL A 340 -16.13 7.20 26.37
CA VAL A 340 -17.44 7.83 26.45
C VAL A 340 -18.55 6.81 26.24
N LEU A 341 -18.30 5.76 25.46
CA LEU A 341 -19.31 4.76 25.18
C LEU A 341 -19.42 3.68 26.25
N GLU A 342 -18.45 3.58 27.15
CA GLU A 342 -18.53 2.63 28.26
C GLU A 342 -19.23 3.25 29.46
N ASN A 343 -18.80 4.44 29.87
CA ASN A 343 -19.43 5.14 30.98
C ASN A 343 -20.84 5.61 30.66
N ARG A 344 -21.22 5.63 29.37
CA ARG A 344 -22.58 5.90 28.95
C ARG A 344 -23.24 4.68 28.32
N ALA A 345 -22.83 3.48 28.73
CA ALA A 345 -23.31 2.24 28.12
C ALA A 345 -24.83 2.13 28.20
N GLU A 346 -25.35 1.91 29.41
CA GLU A 346 -26.80 1.76 29.59
C GLU A 346 -27.55 3.06 29.33
N GLU A 347 -26.88 4.22 29.43
CA GLU A 347 -27.55 5.48 29.14
C GLU A 347 -27.88 5.62 27.66
N LEU A 348 -27.08 5.02 26.79
CA LEU A 348 -27.28 5.12 25.34
C LEU A 348 -28.00 3.87 24.85
N LYS A 349 -29.18 4.06 24.25
CA LYS A 349 -29.91 2.96 23.64
C LYS A 349 -29.25 2.58 22.32
N LEU A 350 -28.08 1.95 22.39
CA LEU A 350 -27.29 1.65 21.20
C LEU A 350 -27.68 0.25 20.70
N ASP A 351 -28.53 0.22 19.67
CA ASP A 351 -28.92 -1.03 19.03
C ASP A 351 -29.35 -0.69 17.61
N PHE A 352 -28.51 -1.03 16.64
CA PHE A 352 -28.80 -0.79 15.23
C PHE A 352 -29.19 -2.06 14.49
N GLY A 353 -29.64 -3.09 15.22
CA GLY A 353 -30.01 -4.34 14.59
C GLY A 353 -31.08 -4.18 13.52
N VAL A 354 -31.93 -3.17 13.67
CA VAL A 354 -32.88 -2.84 12.61
C VAL A 354 -32.14 -2.40 11.36
N TRP A 355 -31.06 -1.64 11.54
CA TRP A 355 -30.27 -1.18 10.40
C TRP A 355 -29.41 -2.29 9.83
N ARG A 356 -28.83 -3.12 10.70
CA ARG A 356 -27.96 -4.20 10.23
C ARG A 356 -28.74 -5.26 9.47
N ASN A 357 -29.88 -5.70 10.03
CA ASN A 357 -30.69 -6.69 9.34
C ASN A 357 -31.29 -6.15 8.05
N GLU A 358 -31.33 -4.82 7.88
CA GLU A 358 -31.64 -4.26 6.57
C GLU A 358 -30.47 -4.45 5.60
N LEU A 359 -29.24 -4.34 6.11
CA LEU A 359 -28.07 -4.56 5.27
C LEU A 359 -27.86 -6.05 4.98
N ASN A 360 -28.00 -6.89 6.01
CA ASN A 360 -27.86 -8.33 5.81
C ASN A 360 -28.88 -8.87 4.81
N VAL A 361 -29.98 -8.16 4.60
CA VAL A 361 -30.88 -8.49 3.49
C VAL A 361 -30.19 -8.21 2.16
N GLN A 362 -29.71 -6.98 1.98
CA GLN A 362 -28.94 -6.64 0.79
C GLN A 362 -27.66 -7.47 0.69
N LYS A 363 -27.11 -7.88 1.83
CA LYS A 363 -25.88 -8.65 1.83
C LYS A 363 -26.07 -10.01 1.18
N GLN A 364 -27.18 -10.67 1.46
CA GLN A 364 -27.46 -11.99 0.89
C GLN A 364 -28.17 -11.93 -0.44
N LYS A 365 -28.70 -10.78 -0.85
CA LYS A 365 -29.31 -10.64 -2.16
C LYS A 365 -28.31 -10.26 -3.24
N PHE A 366 -27.26 -9.52 -2.88
CA PHE A 366 -26.24 -9.09 -3.84
C PHE A 366 -24.84 -9.36 -3.31
N PRO A 367 -24.48 -10.62 -3.10
CA PRO A 367 -23.15 -10.94 -2.59
C PRO A 367 -22.14 -10.99 -3.73
N LEU A 368 -20.89 -11.29 -3.37
CA LEU A 368 -19.80 -11.40 -4.34
C LEU A 368 -19.92 -12.75 -5.05
N SER A 369 -20.25 -12.70 -6.34
CA SER A 369 -20.48 -13.90 -7.13
C SER A 369 -19.44 -14.04 -8.24
N PHE A 370 -19.25 -15.27 -8.70
CA PHE A 370 -18.39 -15.54 -9.83
C PHE A 370 -18.88 -16.80 -10.54
N LYS A 371 -18.88 -16.77 -11.86
CA LYS A 371 -19.24 -17.94 -12.63
C LYS A 371 -18.06 -18.91 -12.72
N THR A 372 -18.38 -20.19 -12.90
CA THR A 372 -17.37 -21.25 -13.02
C THR A 372 -17.69 -22.07 -14.27
N PHE A 373 -16.96 -21.82 -15.35
CA PHE A 373 -17.21 -22.48 -16.62
C PHE A 373 -16.35 -23.73 -16.74
N GLY A 374 -16.99 -24.89 -16.84
CA GLY A 374 -16.27 -26.14 -17.07
C GLY A 374 -15.19 -26.38 -16.03
N GLU A 375 -13.99 -26.66 -16.51
CA GLU A 375 -12.83 -26.85 -15.66
C GLU A 375 -11.91 -25.65 -15.63
N ALA A 376 -12.23 -24.59 -16.39
CA ALA A 376 -11.41 -23.39 -16.38
C ALA A 376 -11.36 -22.79 -14.98
N ILE A 377 -10.16 -22.42 -14.54
CA ILE A 377 -9.95 -21.88 -13.20
C ILE A 377 -10.53 -20.48 -13.11
N PRO A 378 -11.55 -20.25 -12.30
CA PRO A 378 -11.97 -18.87 -12.04
C PRO A 378 -11.02 -18.20 -11.07
N PRO A 379 -10.49 -17.03 -11.44
CA PRO A 379 -9.48 -16.38 -10.58
C PRO A 379 -9.98 -16.07 -9.18
N GLN A 380 -11.26 -15.70 -9.06
CA GLN A 380 -11.83 -15.44 -7.74
C GLN A 380 -11.74 -16.67 -6.86
N TYR A 381 -12.02 -17.85 -7.43
CA TYR A 381 -11.96 -19.08 -6.66
C TYR A 381 -10.54 -19.41 -6.25
N ALA A 382 -9.57 -19.16 -7.14
CA ALA A 382 -8.17 -19.45 -6.84
C ALA A 382 -7.71 -18.67 -5.61
N ILE A 383 -8.15 -17.41 -5.49
CA ILE A 383 -7.78 -16.60 -4.34
C ILE A 383 -8.48 -17.10 -3.09
N LYS A 384 -9.74 -17.51 -3.23
CA LYS A 384 -10.47 -18.07 -2.09
C LYS A 384 -9.83 -19.36 -1.60
N VAL A 385 -9.18 -20.11 -2.50
CA VAL A 385 -8.42 -21.29 -2.07
C VAL A 385 -7.20 -20.86 -1.26
N LEU A 386 -6.48 -19.84 -1.75
CA LEU A 386 -5.32 -19.33 -1.02
C LEU A 386 -5.73 -18.80 0.35
N ASP A 387 -6.91 -18.18 0.44
CA ASP A 387 -7.43 -17.75 1.74
C ASP A 387 -7.58 -18.93 2.68
N GLU A 388 -8.23 -20.00 2.21
CA GLU A 388 -8.47 -21.15 3.06
C GLU A 388 -7.17 -21.86 3.41
N LEU A 389 -6.32 -22.11 2.42
CA LEU A 389 -5.10 -22.88 2.65
C LEU A 389 -4.08 -22.14 3.53
N THR A 390 -4.20 -20.82 3.64
CA THR A 390 -3.32 -20.04 4.49
C THR A 390 -4.02 -19.50 5.74
N ASP A 391 -5.28 -19.88 5.96
CA ASP A 391 -6.06 -19.43 7.11
C ASP A 391 -6.24 -17.92 7.14
N GLY A 392 -6.07 -17.26 6.00
CA GLY A 392 -6.17 -15.81 5.95
C GLY A 392 -5.11 -15.07 6.73
N LYS A 393 -3.97 -15.71 6.99
CA LYS A 393 -2.90 -15.12 7.80
C LYS A 393 -1.64 -14.86 6.97
N ALA A 394 -1.79 -14.69 5.66
CA ALA A 394 -0.67 -14.53 4.75
C ALA A 394 -0.61 -13.09 4.24
N ILE A 395 0.60 -12.56 4.17
CA ILE A 395 0.82 -11.22 3.63
C ILE A 395 0.64 -11.27 2.12
N ILE A 396 -0.26 -10.44 1.59
CA ILE A 396 -0.63 -10.46 0.20
C ILE A 396 -0.26 -9.13 -0.44
N SER A 397 0.60 -9.17 -1.44
CA SER A 397 0.87 -8.04 -2.32
C SER A 397 0.33 -8.34 -3.71
N THR A 398 -0.01 -7.27 -4.44
CA THR A 398 -0.61 -7.42 -5.76
C THR A 398 0.02 -6.45 -6.74
N GLY A 399 -0.24 -6.69 -8.02
CA GLY A 399 0.03 -5.71 -9.05
C GLY A 399 -1.11 -4.72 -9.15
N VAL A 400 -1.60 -4.47 -10.37
CA VAL A 400 -2.69 -3.53 -10.59
C VAL A 400 -3.57 -4.08 -11.70
N GLY A 401 -4.85 -4.26 -11.41
CA GLY A 401 -5.78 -4.71 -12.41
C GLY A 401 -6.89 -5.53 -11.78
N GLN A 402 -7.46 -6.41 -12.61
CA GLN A 402 -8.49 -7.33 -12.14
C GLN A 402 -7.98 -8.19 -10.99
N HIS A 403 -6.82 -8.84 -11.19
CA HIS A 403 -6.24 -9.66 -10.15
C HIS A 403 -6.01 -8.89 -8.86
N GLN A 404 -5.86 -7.56 -8.95
CA GLN A 404 -5.76 -6.74 -7.76
C GLN A 404 -7.10 -6.60 -7.05
N MET A 405 -8.18 -6.46 -7.82
CA MET A 405 -9.51 -6.33 -7.21
C MET A 405 -9.96 -7.66 -6.63
N TRP A 406 -9.78 -8.76 -7.37
CA TRP A 406 -10.15 -10.08 -6.87
C TRP A 406 -9.32 -10.45 -5.64
N ALA A 407 -8.07 -10.00 -5.59
CA ALA A 407 -7.27 -10.24 -4.39
C ALA A 407 -7.81 -9.49 -3.18
N ALA A 408 -8.55 -8.40 -3.43
CA ALA A 408 -9.17 -7.63 -2.36
C ALA A 408 -10.54 -8.16 -1.98
N GLN A 409 -11.35 -8.54 -2.98
CA GLN A 409 -12.70 -9.00 -2.70
C GLN A 409 -12.70 -10.38 -2.04
N PHE A 410 -11.92 -11.31 -2.58
CA PHE A 410 -12.00 -12.73 -2.20
C PHE A 410 -10.87 -13.15 -1.28
N TYR A 411 -10.42 -12.28 -0.38
CA TYR A 411 -9.50 -12.65 0.68
C TYR A 411 -9.92 -11.92 1.94
N ASN A 412 -9.94 -12.65 3.06
CA ASN A 412 -10.41 -12.12 4.35
C ASN A 412 -9.18 -11.81 5.20
N TYR A 413 -8.70 -10.58 5.10
CA TYR A 413 -7.55 -10.14 5.89
C TYR A 413 -7.98 -9.87 7.31
N LYS A 414 -7.29 -10.50 8.26
CA LYS A 414 -7.71 -10.44 9.66
C LYS A 414 -7.02 -9.33 10.44
N LYS A 415 -5.86 -8.87 9.98
CA LYS A 415 -5.12 -7.79 10.60
C LYS A 415 -4.65 -6.82 9.52
N PRO A 416 -4.50 -5.54 9.84
CA PRO A 416 -3.95 -4.60 8.88
C PRO A 416 -2.46 -4.86 8.67
N ARG A 417 -1.91 -4.17 7.66
CA ARG A 417 -0.54 -4.36 7.20
C ARG A 417 -0.29 -5.79 6.72
N GLN A 418 -1.38 -6.48 6.38
CA GLN A 418 -1.34 -7.78 5.71
C GLN A 418 -1.66 -7.66 4.23
N TRP A 419 -2.16 -6.50 3.81
CA TRP A 419 -2.62 -6.26 2.44
C TRP A 419 -1.81 -5.12 1.85
N LEU A 420 -0.91 -5.45 0.93
CA LEU A 420 -0.01 -4.48 0.30
C LEU A 420 -0.42 -4.31 -1.14
N SER A 421 -0.91 -3.12 -1.49
CA SER A 421 -1.35 -2.89 -2.86
C SER A 421 -1.30 -1.41 -3.19
N SER A 422 -0.86 -1.09 -4.40
CA SER A 422 -0.80 0.29 -4.87
C SER A 422 -2.21 0.79 -5.17
N GLY A 423 -2.71 1.73 -4.37
CA GLY A 423 -4.07 2.21 -4.51
C GLY A 423 -4.18 3.59 -5.12
N GLY A 424 -3.45 4.55 -4.56
CA GLY A 424 -3.49 5.90 -5.07
C GLY A 424 -2.91 6.04 -6.47
N LEU A 425 -1.66 5.58 -6.64
CA LEU A 425 -1.04 5.67 -7.96
C LEU A 425 -1.38 4.46 -8.82
N GLY A 426 -1.67 3.31 -8.21
CA GLY A 426 -1.98 2.11 -8.94
C GLY A 426 -0.89 1.76 -9.95
N ALA A 427 0.31 1.46 -9.45
CA ALA A 427 1.47 1.23 -10.30
C ALA A 427 1.67 -0.27 -10.51
N MET A 428 1.61 -0.70 -11.76
CA MET A 428 1.91 -2.09 -12.09
C MET A 428 3.34 -2.44 -11.73
N GLY A 429 3.60 -3.73 -11.57
CA GLY A 429 4.90 -4.17 -11.12
C GLY A 429 5.20 -3.88 -9.67
N PHE A 430 4.19 -3.48 -8.90
CA PHE A 430 4.37 -3.25 -7.46
C PHE A 430 4.46 -4.55 -6.69
N GLY A 431 3.76 -5.59 -7.14
CA GLY A 431 3.61 -6.81 -6.38
C GLY A 431 4.89 -7.55 -6.05
N LEU A 432 5.65 -7.94 -7.07
CA LEU A 432 6.85 -8.74 -6.84
C LEU A 432 7.87 -8.04 -5.94
N PRO A 433 8.21 -6.76 -6.15
CA PRO A 433 9.18 -6.15 -5.22
C PRO A 433 8.60 -5.90 -3.83
N ALA A 434 7.32 -5.57 -3.73
CA ALA A 434 6.72 -5.38 -2.41
C ALA A 434 6.74 -6.67 -1.62
N ALA A 435 6.55 -7.82 -2.29
CA ALA A 435 6.68 -9.10 -1.63
C ALA A 435 8.10 -9.32 -1.13
N ILE A 436 9.10 -8.78 -1.85
CA ILE A 436 10.48 -8.87 -1.40
C ILE A 436 10.67 -8.10 -0.10
N GLY A 437 10.16 -6.88 -0.04
CA GLY A 437 10.33 -6.07 1.16
C GLY A 437 9.57 -6.61 2.34
N ALA A 438 8.34 -7.06 2.12
CA ALA A 438 7.52 -7.60 3.21
C ALA A 438 8.14 -8.88 3.77
N SER A 439 8.74 -9.71 2.91
CA SER A 439 9.37 -10.94 3.38
C SER A 439 10.60 -10.65 4.22
N VAL A 440 11.32 -9.57 3.92
CA VAL A 440 12.48 -9.22 4.73
C VAL A 440 12.04 -8.58 6.05
N ALA A 441 10.93 -7.83 6.05
CA ALA A 441 10.41 -7.26 7.28
C ALA A 441 9.73 -8.30 8.16
N ASN A 442 9.14 -9.33 7.55
CA ASN A 442 8.46 -10.41 8.26
C ASN A 442 9.02 -11.73 7.77
N PRO A 443 10.19 -12.13 8.26
CA PRO A 443 10.85 -13.34 7.72
C PRO A 443 10.07 -14.62 7.94
N ASP A 444 9.29 -14.71 9.02
CA ASP A 444 8.56 -15.92 9.36
C ASP A 444 7.08 -15.84 8.98
N ALA A 445 6.76 -15.09 7.93
CA ALA A 445 5.39 -14.92 7.49
C ALA A 445 5.21 -15.50 6.08
N ILE A 446 3.98 -15.91 5.78
CA ILE A 446 3.64 -16.37 4.44
C ILE A 446 3.42 -15.13 3.58
N VAL A 447 4.31 -14.88 2.63
CA VAL A 447 4.23 -13.74 1.73
C VAL A 447 3.91 -14.27 0.33
N VAL A 448 2.80 -13.81 -0.24
CA VAL A 448 2.33 -14.29 -1.53
C VAL A 448 2.02 -13.08 -2.42
N ASP A 449 2.64 -13.05 -3.60
CA ASP A 449 2.40 -11.99 -4.57
C ASP A 449 1.32 -12.47 -5.54
N ILE A 450 0.16 -11.82 -5.52
CA ILE A 450 -0.92 -12.15 -6.47
C ILE A 450 -0.78 -11.16 -7.63
N ASP A 451 0.13 -11.52 -8.54
CA ASP A 451 0.47 -10.66 -9.66
C ASP A 451 -0.29 -11.06 -10.91
N GLY A 452 -0.30 -10.17 -11.88
CA GLY A 452 -0.90 -10.44 -13.18
C GLY A 452 0.16 -10.50 -14.25
N ASP A 453 -0.12 -11.19 -15.35
CA ASP A 453 0.89 -11.42 -16.38
C ASP A 453 1.46 -10.14 -16.94
N GLY A 454 0.73 -9.03 -16.85
CA GLY A 454 1.27 -7.74 -17.25
C GLY A 454 2.10 -7.11 -16.16
N SER A 455 1.55 -7.03 -14.95
CA SER A 455 2.28 -6.42 -13.84
C SER A 455 3.50 -7.24 -13.46
N PHE A 456 3.38 -8.57 -13.52
CA PHE A 456 4.48 -9.43 -13.09
C PHE A 456 5.71 -9.25 -13.98
N ILE A 457 5.51 -9.13 -15.29
CA ILE A 457 6.65 -9.07 -16.19
C ILE A 457 7.36 -7.73 -16.12
N MET A 458 6.67 -6.67 -15.67
CA MET A 458 7.30 -5.35 -15.65
C MET A 458 8.52 -5.31 -14.75
N ASN A 459 8.45 -5.95 -13.59
CA ASN A 459 9.58 -6.09 -12.69
C ASN A 459 9.92 -7.56 -12.47
N VAL A 460 9.88 -8.35 -13.55
CA VAL A 460 10.24 -9.75 -13.48
C VAL A 460 11.71 -9.95 -13.12
N GLN A 461 12.56 -8.94 -13.37
CA GLN A 461 13.98 -9.06 -13.05
C GLN A 461 14.23 -9.27 -11.57
N GLU A 462 13.28 -8.91 -10.71
CA GLU A 462 13.46 -9.06 -9.27
C GLU A 462 13.37 -10.52 -8.82
N LEU A 463 13.03 -11.45 -9.72
CA LEU A 463 13.12 -12.86 -9.37
C LEU A 463 14.55 -13.26 -9.01
N ALA A 464 15.54 -12.62 -9.64
CA ALA A 464 16.93 -12.84 -9.26
C ALA A 464 17.18 -12.37 -7.83
N THR A 465 16.55 -11.26 -7.44
CA THR A 465 16.69 -10.78 -6.07
C THR A 465 16.10 -11.78 -5.07
N ILE A 466 14.94 -12.35 -5.42
CA ILE A 466 14.30 -13.30 -4.52
C ILE A 466 15.16 -14.53 -4.31
N ARG A 467 15.75 -15.05 -5.38
CA ARG A 467 16.61 -16.23 -5.25
C ARG A 467 17.89 -15.90 -4.51
N VAL A 468 18.61 -14.87 -4.94
CA VAL A 468 19.89 -14.53 -4.33
C VAL A 468 19.73 -14.28 -2.84
N GLU A 469 18.69 -13.54 -2.45
CA GLU A 469 18.44 -13.23 -1.05
C GLU A 469 17.73 -14.36 -0.31
N ASN A 470 17.36 -15.44 -1.00
CA ASN A 470 16.73 -16.61 -0.40
C ASN A 470 15.51 -16.22 0.43
N LEU A 471 14.50 -15.68 -0.26
CA LEU A 471 13.28 -15.23 0.37
C LEU A 471 12.11 -16.13 -0.03
N PRO A 472 11.30 -16.59 0.91
CA PRO A 472 10.18 -17.49 0.61
C PRO A 472 8.97 -16.78 -0.01
N VAL A 473 9.22 -16.05 -1.10
CA VAL A 473 8.14 -15.32 -1.78
C VAL A 473 7.39 -16.29 -2.69
N LYS A 474 6.08 -16.38 -2.49
CA LYS A 474 5.22 -17.18 -3.33
C LYS A 474 4.54 -16.27 -4.35
N VAL A 475 4.61 -16.66 -5.63
CA VAL A 475 4.03 -15.86 -6.70
C VAL A 475 2.80 -16.60 -7.23
N LEU A 476 1.62 -16.11 -6.87
CA LEU A 476 0.36 -16.64 -7.40
C LEU A 476 -0.02 -15.81 -8.60
N LEU A 477 0.46 -16.22 -9.77
CA LEU A 477 0.28 -15.47 -11.01
C LEU A 477 -1.05 -15.82 -11.64
N LEU A 478 -1.93 -14.82 -11.78
CA LEU A 478 -3.23 -15.00 -12.41
C LEU A 478 -3.09 -14.62 -13.89
N ASN A 479 -2.63 -15.58 -14.68
CA ASN A 479 -2.32 -15.35 -16.09
C ASN A 479 -3.63 -15.41 -16.89
N ASN A 480 -4.07 -14.25 -17.38
CA ASN A 480 -5.21 -14.19 -18.29
C ASN A 480 -4.80 -13.79 -19.70
N GLN A 481 -3.49 -13.72 -19.97
CA GLN A 481 -2.94 -13.38 -21.29
C GLN A 481 -3.38 -12.01 -21.78
N HIS A 482 -3.81 -11.12 -20.88
CA HIS A 482 -4.31 -9.81 -21.28
C HIS A 482 -4.02 -8.78 -20.19
N LEU A 483 -4.16 -7.52 -20.58
CA LEU A 483 -4.22 -6.40 -19.62
C LEU A 483 -5.69 -6.25 -19.25
N GLY A 484 -6.12 -7.13 -18.34
CA GLY A 484 -7.54 -7.44 -18.25
C GLY A 484 -8.39 -6.23 -17.92
N MET A 485 -7.90 -5.39 -17.00
CA MET A 485 -8.67 -4.23 -16.58
C MET A 485 -8.89 -3.27 -17.74
N VAL A 486 -7.87 -3.07 -18.57
CA VAL A 486 -8.06 -2.28 -19.78
C VAL A 486 -8.92 -3.05 -20.77
N MET A 487 -8.80 -4.37 -20.79
CA MET A 487 -9.63 -5.19 -21.67
C MET A 487 -11.10 -5.10 -21.28
N GLN A 488 -11.38 -5.09 -19.96
CA GLN A 488 -12.77 -4.98 -19.51
C GLN A 488 -13.38 -3.66 -19.92
N LEU A 489 -12.63 -2.57 -19.81
CA LEU A 489 -13.15 -1.27 -20.25
C LEU A 489 -13.34 -1.22 -21.75
N GLU A 490 -12.58 -2.02 -22.50
CA GLU A 490 -12.80 -2.12 -23.94
C GLU A 490 -14.12 -2.84 -24.23
N ASP A 491 -14.36 -3.96 -23.54
CA ASP A 491 -15.60 -4.70 -23.74
C ASP A 491 -16.82 -3.85 -23.42
N ARG A 492 -16.76 -3.10 -22.31
CA ARG A 492 -17.91 -2.34 -21.87
C ARG A 492 -18.16 -1.12 -22.75
N PHE A 493 -17.16 -0.26 -22.91
CA PHE A 493 -17.37 1.07 -23.44
C PHE A 493 -16.83 1.27 -24.86
N TYR A 494 -16.18 0.27 -25.45
CA TYR A 494 -15.59 0.42 -26.77
C TYR A 494 -15.90 -0.78 -27.66
N LYS A 495 -16.99 -1.48 -27.35
CA LYS A 495 -17.50 -2.56 -28.19
C LYS A 495 -16.47 -3.68 -28.39
N ALA A 496 -15.78 -4.03 -27.30
CA ALA A 496 -14.82 -5.15 -27.29
C ALA A 496 -13.75 -5.02 -28.37
N ASN A 497 -13.40 -3.79 -28.74
CA ASN A 497 -12.38 -3.55 -29.76
C ASN A 497 -11.01 -3.55 -29.07
N ARG A 498 -10.26 -4.63 -29.26
CA ARG A 498 -8.95 -4.77 -28.62
C ARG A 498 -7.99 -3.73 -29.19
N ALA A 499 -7.41 -2.91 -28.30
CA ALA A 499 -6.45 -1.87 -28.67
C ALA A 499 -5.19 -2.10 -27.84
N HIS A 500 -4.40 -3.11 -28.24
CA HIS A 500 -3.10 -3.42 -27.64
C HIS A 500 -3.24 -3.85 -26.18
N THR A 501 -4.11 -4.83 -25.93
CA THR A 501 -4.31 -5.36 -24.59
C THR A 501 -4.01 -6.85 -24.48
N PHE A 502 -3.62 -7.51 -25.58
CA PHE A 502 -3.25 -8.92 -25.54
C PHE A 502 -1.75 -9.03 -25.38
N LEU A 503 -1.31 -9.77 -24.35
CA LEU A 503 0.10 -9.84 -24.00
C LEU A 503 0.80 -11.08 -24.52
N GLY A 504 0.08 -12.05 -25.07
CA GLY A 504 0.68 -13.25 -25.60
C GLY A 504 1.18 -13.06 -27.02
N ASP A 505 1.53 -14.19 -27.65
CA ASP A 505 2.07 -14.18 -29.00
C ASP A 505 0.93 -14.35 -30.00
N PRO A 506 0.69 -13.40 -30.90
CA PRO A 506 -0.40 -13.55 -31.87
C PRO A 506 -0.15 -14.64 -32.91
N ALA A 507 1.11 -15.00 -33.17
CA ALA A 507 1.39 -16.07 -34.12
C ALA A 507 0.89 -17.42 -33.62
N GLN A 508 0.90 -17.62 -32.31
CA GLN A 508 0.43 -18.85 -31.67
C GLN A 508 -0.53 -18.46 -30.54
N GLU A 509 -1.69 -17.91 -30.92
CA GLU A 509 -2.56 -17.25 -29.97
C GLU A 509 -3.06 -18.17 -28.87
N ASP A 510 -3.05 -19.48 -29.08
CA ASP A 510 -3.52 -20.44 -28.09
C ASP A 510 -2.38 -21.01 -27.24
N GLU A 511 -1.21 -20.37 -27.26
CA GLU A 511 -0.08 -20.75 -26.43
C GLU A 511 0.16 -19.68 -25.38
N ILE A 512 0.30 -20.10 -24.12
CA ILE A 512 0.55 -19.15 -23.04
C ILE A 512 1.92 -18.50 -23.28
N PHE A 513 1.94 -17.18 -23.40
CA PHE A 513 3.14 -16.44 -23.70
C PHE A 513 3.15 -15.15 -22.89
N PRO A 514 4.29 -14.80 -22.27
CA PRO A 514 5.51 -15.63 -22.24
C PRO A 514 5.36 -16.82 -21.30
N ASN A 515 6.29 -17.78 -21.41
CA ASN A 515 6.32 -18.94 -20.52
C ASN A 515 6.91 -18.47 -19.20
N MET A 516 6.04 -18.04 -18.28
CA MET A 516 6.50 -17.47 -17.03
C MET A 516 7.29 -18.49 -16.20
N LEU A 517 7.05 -19.78 -16.42
CA LEU A 517 7.79 -20.81 -15.69
C LEU A 517 9.28 -20.71 -15.99
N LEU A 518 9.64 -20.40 -17.23
CA LEU A 518 11.05 -20.30 -17.60
C LEU A 518 11.70 -19.05 -17.01
N PHE A 519 10.90 -18.00 -16.77
CA PHE A 519 11.42 -16.85 -16.02
C PHE A 519 11.86 -17.28 -14.63
N ALA A 520 11.01 -18.05 -13.94
CA ALA A 520 11.39 -18.59 -12.63
C ALA A 520 12.57 -19.55 -12.76
N ALA A 521 12.63 -20.32 -13.85
CA ALA A 521 13.72 -21.26 -14.05
C ALA A 521 15.05 -20.52 -14.21
N ALA A 522 15.04 -19.42 -14.97
CA ALA A 522 16.27 -18.65 -15.17
C ALA A 522 16.86 -18.18 -13.85
N CYS A 523 16.01 -17.90 -12.86
CA CYS A 523 16.45 -17.46 -11.55
C CYS A 523 16.43 -18.59 -10.52
N GLY A 524 16.47 -19.83 -10.98
CA GLY A 524 16.55 -20.97 -10.06
C GLY A 524 15.41 -21.03 -9.06
N ILE A 525 14.20 -20.72 -9.49
CA ILE A 525 13.02 -20.73 -8.62
C ILE A 525 12.09 -21.83 -9.10
N PRO A 526 11.67 -22.76 -8.23
CA PRO A 526 10.74 -23.80 -8.66
C PRO A 526 9.41 -23.21 -9.09
N ALA A 527 8.84 -23.77 -10.16
CA ALA A 527 7.62 -23.22 -10.75
C ALA A 527 6.68 -24.36 -11.11
N ALA A 528 5.44 -24.00 -11.45
CA ALA A 528 4.40 -24.94 -11.84
C ALA A 528 3.25 -24.16 -12.46
N ARG A 529 2.53 -24.81 -13.37
CA ARG A 529 1.39 -24.19 -14.04
C ARG A 529 0.17 -25.07 -13.87
N VAL A 530 -0.87 -24.53 -13.23
CA VAL A 530 -2.14 -25.23 -13.05
C VAL A 530 -3.13 -24.69 -14.07
N THR A 531 -3.98 -25.57 -14.59
CA THR A 531 -4.91 -25.19 -15.64
C THR A 531 -6.35 -25.60 -15.33
N LYS A 532 -6.55 -26.75 -14.70
CA LYS A 532 -7.88 -27.27 -14.42
C LYS A 532 -8.24 -27.03 -12.96
N LYS A 533 -9.49 -26.63 -12.73
CA LYS A 533 -9.94 -26.24 -11.38
C LYS A 533 -9.76 -27.37 -10.37
N ALA A 534 -9.82 -28.62 -10.81
CA ALA A 534 -9.63 -29.74 -9.90
C ALA A 534 -8.23 -29.74 -9.31
N ASP A 535 -7.22 -29.52 -10.15
CA ASP A 535 -5.83 -29.54 -9.68
C ASP A 535 -5.44 -28.28 -8.91
N LEU A 536 -6.32 -27.28 -8.86
CA LEU A 536 -5.92 -25.98 -8.32
C LEU A 536 -5.57 -26.07 -6.84
N ARG A 537 -6.37 -26.80 -6.05
CA ARG A 537 -6.12 -26.86 -4.61
C ARG A 537 -4.79 -27.53 -4.31
N GLU A 538 -4.47 -28.63 -5.01
CA GLU A 538 -3.21 -29.32 -4.76
C GLU A 538 -2.02 -28.47 -5.20
N ALA A 539 -2.19 -27.71 -6.29
CA ALA A 539 -1.09 -26.89 -6.79
C ALA A 539 -0.73 -25.77 -5.80
N ILE A 540 -1.74 -25.04 -5.33
CA ILE A 540 -1.48 -23.98 -4.34
C ILE A 540 -0.88 -24.57 -3.08
N GLN A 541 -1.35 -25.75 -2.66
CA GLN A 541 -0.77 -26.40 -1.49
C GLN A 541 0.69 -26.72 -1.70
N THR A 542 1.05 -27.16 -2.91
CA THR A 542 2.45 -27.42 -3.22
C THR A 542 3.28 -26.14 -3.16
N MET A 543 2.76 -25.05 -3.72
CA MET A 543 3.44 -23.77 -3.67
C MET A 543 3.72 -23.35 -2.23
N LEU A 544 2.74 -23.52 -1.35
CA LEU A 544 2.93 -23.13 0.04
C LEU A 544 3.90 -24.06 0.76
N ASP A 545 3.77 -25.36 0.55
CA ASP A 545 4.59 -26.32 1.28
C ASP A 545 6.03 -26.35 0.80
N THR A 546 6.26 -26.07 -0.47
CA THR A 546 7.62 -26.07 -1.01
C THR A 546 8.42 -24.93 -0.38
N PRO A 547 9.52 -25.22 0.31
CA PRO A 547 10.29 -24.13 0.94
C PRO A 547 10.91 -23.22 -0.10
N GLY A 548 11.13 -21.97 0.30
CA GLY A 548 11.74 -20.98 -0.55
C GLY A 548 10.76 -20.36 -1.53
N PRO A 549 11.29 -19.74 -2.58
CA PRO A 549 10.41 -19.13 -3.58
C PRO A 549 9.66 -20.18 -4.38
N TYR A 550 8.57 -19.75 -5.01
CA TYR A 550 7.76 -20.63 -5.84
C TYR A 550 6.85 -19.77 -6.71
N LEU A 551 6.79 -20.09 -8.00
CA LEU A 551 5.90 -19.44 -8.94
C LEU A 551 4.83 -20.41 -9.39
N LEU A 552 3.56 -20.02 -9.23
CA LEU A 552 2.43 -20.83 -9.67
C LEU A 552 1.69 -20.08 -10.76
N ASP A 553 1.85 -20.53 -12.00
CA ASP A 553 1.18 -19.92 -13.14
C ASP A 553 -0.25 -20.45 -13.18
N VAL A 554 -1.21 -19.61 -12.76
CA VAL A 554 -2.62 -19.98 -12.73
C VAL A 554 -3.28 -19.39 -13.97
N ILE A 555 -3.62 -20.24 -14.93
CA ILE A 555 -4.26 -19.79 -16.15
C ILE A 555 -5.75 -19.58 -15.88
N CYS A 556 -6.30 -18.52 -16.44
CA CYS A 556 -7.69 -18.14 -16.21
C CYS A 556 -8.32 -17.73 -17.53
N PRO A 557 -9.63 -17.94 -17.69
CA PRO A 557 -10.31 -17.41 -18.88
C PRO A 557 -10.25 -15.90 -18.89
N HIS A 558 -9.92 -15.34 -20.05
CA HIS A 558 -9.63 -13.91 -20.14
C HIS A 558 -10.89 -13.05 -20.21
N GLN A 559 -12.05 -13.65 -20.45
CA GLN A 559 -13.27 -12.86 -20.62
C GLN A 559 -13.92 -12.47 -19.28
N GLU A 560 -13.31 -12.81 -18.15
CA GLU A 560 -13.88 -12.47 -16.86
C GLU A 560 -13.87 -10.95 -16.66
N HIS A 561 -14.88 -10.47 -15.93
CA HIS A 561 -15.01 -9.06 -15.59
C HIS A 561 -15.10 -8.90 -14.08
N VAL A 562 -14.46 -7.85 -13.57
CA VAL A 562 -14.55 -7.53 -12.16
C VAL A 562 -15.90 -6.88 -11.88
N LEU A 563 -16.65 -7.45 -10.94
CA LEU A 563 -17.98 -6.99 -10.62
C LEU A 563 -18.14 -6.94 -9.11
N PRO A 564 -18.98 -6.03 -8.59
CA PRO A 564 -19.73 -5.04 -9.36
C PRO A 564 -18.87 -3.85 -9.79
N MET A 565 -19.46 -2.93 -10.57
CA MET A 565 -18.72 -1.81 -11.12
C MET A 565 -19.63 -0.59 -11.18
N ILE A 566 -19.20 0.50 -10.54
CA ILE A 566 -19.87 1.78 -10.63
C ILE A 566 -19.08 2.65 -11.61
N PRO A 567 -19.64 3.00 -12.77
CA PRO A 567 -18.88 3.78 -13.77
C PRO A 567 -18.36 5.08 -13.17
N SER A 568 -17.15 5.46 -13.59
CA SER A 568 -16.50 6.65 -13.07
C SER A 568 -17.34 7.88 -13.33
N GLY A 569 -17.68 8.59 -12.25
CA GLY A 569 -18.57 9.73 -12.33
C GLY A 569 -20.04 9.40 -12.16
N GLY A 570 -20.36 8.16 -11.81
CA GLY A 570 -21.74 7.74 -11.62
C GLY A 570 -22.14 7.69 -10.16
N THR A 571 -23.29 7.06 -9.91
CA THR A 571 -23.86 6.95 -8.58
C THR A 571 -24.19 5.49 -8.29
N PHE A 572 -24.76 5.25 -7.10
CA PHE A 572 -25.12 3.89 -6.71
C PHE A 572 -26.20 3.32 -7.61
N ASN A 573 -27.03 4.17 -8.21
CA ASN A 573 -28.08 3.73 -9.12
C ASN A 573 -27.56 3.33 -10.49
N ASP A 574 -26.24 3.15 -10.63
CA ASP A 574 -25.64 2.70 -11.89
C ASP A 574 -24.76 1.47 -11.71
N VAL A 575 -24.78 0.85 -10.52
CA VAL A 575 -23.84 -0.23 -10.22
C VAL A 575 -24.14 -1.42 -11.11
N ILE A 576 -23.17 -1.81 -11.93
CA ILE A 576 -23.32 -2.95 -12.82
C ILE A 576 -23.07 -4.22 -12.01
N THR A 577 -24.07 -5.10 -11.97
CA THR A 577 -24.02 -6.27 -11.11
C THR A 577 -23.67 -7.56 -11.84
N GLU A 578 -23.72 -7.57 -13.18
CA GLU A 578 -23.38 -8.78 -13.92
C GLU A 578 -23.03 -8.42 -15.35
N GLY A 579 -22.27 -9.31 -15.99
CA GLY A 579 -21.86 -9.14 -17.38
C GLY A 579 -20.39 -9.42 -17.57
N ASP A 580 -20.06 -9.99 -18.74
CA ASP A 580 -18.67 -10.20 -19.13
C ASP A 580 -18.60 -10.27 -20.65
N GLY A 581 -17.37 -10.29 -21.17
CA GLY A 581 -17.15 -10.27 -22.60
C GLY A 581 -17.37 -11.60 -23.29
N ARG A 582 -18.61 -12.08 -23.30
CA ARG A 582 -18.94 -13.33 -23.98
C ARG A 582 -20.24 -13.18 -24.78
#